data_4DIM
#
_entry.id   4DIM
#
_cell.length_a   125.270
_cell.length_b   84.467
_cell.length_c   49.642
_cell.angle_alpha   90.00
_cell.angle_beta   100.54
_cell.angle_gamma   90.00
#
_symmetry.space_group_name_H-M   'C 1 2 1'
#
loop_
_entity.id
_entity.type
_entity.pdbx_description
1 polymer 'Phosphoribosylglycinamide synthetase'
2 water water
#
_entity_poly.entity_id   1
_entity_poly.type   'polypeptide(L)'
_entity_poly.pdbx_seq_one_letter_code
;SNA(MSE)YDNKRLLILGAGRGQLGLYKAAKELGIHTIAGT(MSE)PNAHKPCLNLADEISY(MSE)DISNPDEVEQKVK
DLNLDGAATCCLDTGIVSLARICDKENLVGLNEEAAI(MSE)CGDKYK(MSE)KEAFKKYNVNTARHFVVRNENELKNAL
ENLKLPVIVKATDLQGSKGIYIAKKEEEAIDGFNET(MSE)NLTKRDYCIVEEFIEGYEFGAQAFVYKNDVLFV(MSE)P
HGDETY(MSE)SHTAVPVGHYVPLDVKDDIIEKTKTEVKKAIKALGLNNCAVNVD(MSE)ILKDNEVYIIELTGRVGANC
LPELVEINYGIEYYK(MSE)IAS(MSE)AISENPLVFWSQKSKENKAGLAR(MSE)IIETEKSGILKEILNSNAKDDDIV
EITFFKEENDEIKKFENSNDCIGQIIVKEETLDKCKDKLDVIINNINIILK
;
_entity_poly.pdbx_strand_id   A
#
# COMPACT_ATOMS: atom_id res chain seq x y z
N ASP A 6 -21.14 18.23 10.29
CA ASP A 6 -20.93 17.13 11.23
C ASP A 6 -20.41 17.69 12.57
N ASN A 7 -19.24 18.41 12.50
CA ASN A 7 -18.51 18.95 13.65
C ASN A 7 -17.91 17.80 14.48
N LYS A 8 -16.84 17.19 13.95
CA LYS A 8 -16.12 16.05 14.54
C LYS A 8 -14.64 16.19 14.20
N ARG A 9 -13.73 15.87 15.13
CA ARG A 9 -12.27 16.09 14.93
C ARG A 9 -11.52 14.81 14.56
N LEU A 10 -10.86 14.81 13.41
CA LEU A 10 -10.10 13.65 12.94
C LEU A 10 -8.69 14.06 12.77
N LEU A 11 -7.76 13.35 13.40
CA LEU A 11 -6.33 13.58 13.22
C LEU A 11 -5.87 12.66 12.12
N ILE A 12 -5.32 13.21 11.05
CA ILE A 12 -4.81 12.38 9.97
C ILE A 12 -3.33 12.34 10.13
N LEU A 13 -2.76 11.14 10.33
CA LEU A 13 -1.30 11.01 10.51
C LEU A 13 -0.63 10.99 9.16
N GLY A 14 0.07 12.06 8.86
CA GLY A 14 0.79 12.25 7.62
C GLY A 14 0.07 13.27 6.77
N ALA A 15 0.82 14.08 5.98
CA ALA A 15 0.21 15.05 5.07
C ALA A 15 1.03 15.25 3.80
N GLY A 16 1.43 14.14 3.18
CA GLY A 16 2.10 14.14 1.88
C GLY A 16 1.18 14.26 0.66
N ARG A 17 1.74 14.56 -0.54
CA ARG A 17 0.93 14.67 -1.78
C ARG A 17 0.01 13.43 -1.97
N GLY A 18 0.51 12.26 -1.61
CA GLY A 18 -0.27 11.04 -1.70
C GLY A 18 -1.32 10.84 -0.63
N GLN A 19 -1.65 11.88 0.18
CA GLN A 19 -2.63 11.71 1.24
C GLN A 19 -3.74 12.75 1.24
N LEU A 20 -3.87 13.56 0.15
CA LEU A 20 -4.88 14.61 0.10
C LEU A 20 -6.31 14.11 -0.11
N GLY A 21 -6.51 12.85 -0.48
CA GLY A 21 -7.83 12.31 -0.71
C GLY A 21 -8.65 12.16 0.55
N LEU A 22 -7.97 11.76 1.60
CA LEU A 22 -8.60 11.60 2.88
C LEU A 22 -8.91 12.97 3.52
N TYR A 23 -8.06 13.97 3.27
CA TYR A 23 -8.29 15.34 3.74
C TYR A 23 -9.48 15.94 3.00
N LYS A 24 -9.59 15.64 1.71
CA LYS A 24 -10.68 16.13 0.88
C LYS A 24 -12.02 15.50 1.31
N ALA A 25 -12.02 14.20 1.54
CA ALA A 25 -13.21 13.44 1.95
C ALA A 25 -13.71 13.90 3.30
N ALA A 26 -12.80 13.99 4.26
CA ALA A 26 -13.11 14.54 5.59
C ALA A 26 -13.74 15.95 5.50
N LYS A 27 -13.22 16.82 4.63
CA LYS A 27 -13.82 18.15 4.43
C LYS A 27 -15.23 18.00 3.84
N GLU A 28 -15.41 17.20 2.76
CA GLU A 28 -16.73 16.98 2.13
C GLU A 28 -17.78 16.47 3.16
N LEU A 29 -17.34 15.65 4.12
CA LEU A 29 -18.19 15.14 5.20
C LEU A 29 -18.50 16.18 6.30
N GLY A 30 -17.77 17.28 6.36
CA GLY A 30 -17.91 18.29 7.39
C GLY A 30 -17.08 18.04 8.64
N ILE A 31 -15.95 17.30 8.52
CA ILE A 31 -15.06 16.93 9.64
C ILE A 31 -13.98 18.00 9.81
N HIS A 32 -13.57 18.26 11.05
CA HIS A 32 -12.50 19.21 11.39
C HIS A 32 -11.16 18.45 11.37
N THR A 33 -10.34 18.67 10.36
CA THR A 33 -9.13 17.90 10.24
C THR A 33 -7.94 18.56 10.95
N ILE A 34 -7.09 17.71 11.48
CA ILE A 34 -5.87 18.05 12.15
C ILE A 34 -4.80 17.30 11.43
N ALA A 35 -3.88 18.01 10.76
CA ALA A 35 -2.75 17.42 10.08
C ALA A 35 -1.64 17.07 11.09
N GLY A 36 -1.46 15.77 11.36
CA GLY A 36 -0.39 15.27 12.23
C GLY A 36 0.86 15.16 11.35
N THR A 37 1.76 16.16 11.41
CA THR A 37 2.87 16.16 10.46
C THR A 37 4.16 16.84 10.98
N PRO A 39 7.29 19.83 10.13
CA PRO A 39 7.30 21.19 9.54
C PRO A 39 6.96 21.33 8.05
N ASN A 40 7.67 20.62 7.17
CA ASN A 40 7.49 20.75 5.72
C ASN A 40 6.71 19.55 5.16
N ALA A 41 5.46 19.81 4.73
CA ALA A 41 4.54 18.81 4.19
C ALA A 41 3.81 19.35 2.95
N HIS A 42 2.85 18.60 2.40
CA HIS A 42 2.14 19.04 1.21
C HIS A 42 1.19 20.22 1.51
N LYS A 43 1.32 21.34 0.76
CA LYS A 43 0.51 22.56 0.96
C LYS A 43 -1.01 22.32 0.71
N PRO A 44 -1.48 21.74 -0.44
CA PRO A 44 -2.92 21.47 -0.61
C PRO A 44 -3.56 20.62 0.53
N CYS A 45 -2.80 19.69 1.17
CA CYS A 45 -3.31 18.92 2.33
C CYS A 45 -3.48 19.90 3.51
N LEU A 46 -2.46 20.78 3.73
CA LEU A 46 -2.46 21.80 4.80
C LEU A 46 -3.52 22.87 4.55
N ASN A 47 -3.85 23.12 3.27
CA ASN A 47 -4.89 24.09 2.93
C ASN A 47 -6.28 23.43 3.08
N LEU A 48 -6.34 22.09 3.07
CA LEU A 48 -7.57 21.33 3.36
C LEU A 48 -7.73 21.18 4.86
N ALA A 49 -6.59 21.03 5.60
CA ALA A 49 -6.62 20.85 7.06
C ALA A 49 -7.02 22.11 7.79
N ASP A 50 -7.87 21.95 8.82
CA ASP A 50 -8.32 23.05 9.67
C ASP A 50 -7.21 23.38 10.73
N GLU A 51 -6.50 22.36 11.20
CA GLU A 51 -5.43 22.46 12.21
C GLU A 51 -4.17 21.71 11.76
N ILE A 52 -3.00 22.05 12.36
CA ILE A 52 -1.72 21.39 12.14
C ILE A 52 -1.15 21.11 13.47
N SER A 53 -0.74 19.85 13.70
CA SER A 53 -0.13 19.42 14.97
C SER A 53 1.20 18.84 14.60
N TYR A 54 2.28 19.49 15.03
CA TYR A 54 3.60 19.08 14.63
C TYR A 54 4.01 17.89 15.47
N ASP A 56 6.30 13.77 15.04
CA ASP A 56 6.91 12.69 14.28
C ASP A 56 5.98 11.48 14.49
N ILE A 57 5.26 11.15 13.42
CA ILE A 57 4.23 10.11 13.41
C ILE A 57 4.82 8.67 13.46
N SER A 58 6.11 8.54 13.19
CA SER A 58 6.80 7.26 13.28
C SER A 58 7.20 6.94 14.74
N ASN A 59 6.97 7.88 15.67
CA ASN A 59 7.33 7.74 17.06
C ASN A 59 6.06 7.51 17.84
N PRO A 60 5.64 6.24 18.06
CA PRO A 60 4.36 6.00 18.73
C PRO A 60 4.28 6.57 20.12
N ASP A 61 5.44 6.66 20.83
CA ASP A 61 5.50 7.21 22.20
C ASP A 61 5.25 8.73 22.19
N GLU A 62 5.93 9.49 21.29
CA GLU A 62 5.72 10.93 21.17
C GLU A 62 4.28 11.25 20.82
N VAL A 63 3.74 10.51 19.84
CA VAL A 63 2.40 10.70 19.34
C VAL A 63 1.37 10.51 20.44
N GLU A 64 1.49 9.43 21.23
CA GLU A 64 0.58 9.12 22.34
C GLU A 64 0.46 10.31 23.31
N GLN A 65 1.58 10.98 23.58
CA GLN A 65 1.62 12.14 24.47
C GLN A 65 0.91 13.33 23.83
N LYS A 66 1.24 13.62 22.59
CA LYS A 66 0.72 14.78 21.88
C LYS A 66 -0.81 14.76 21.62
N VAL A 67 -1.49 13.58 21.63
CA VAL A 67 -2.93 13.45 21.30
C VAL A 67 -3.86 13.58 22.50
N LYS A 68 -3.34 13.57 23.70
CA LYS A 68 -4.18 13.66 24.89
C LYS A 68 -4.93 15.01 24.96
N ASP A 69 -4.27 16.10 24.50
CA ASP A 69 -4.87 17.43 24.49
C ASP A 69 -5.40 17.84 23.10
N LEU A 70 -5.58 16.90 22.13
CA LEU A 70 -6.10 17.26 20.80
C LEU A 70 -7.62 17.03 20.63
N ASN A 71 -8.34 16.53 21.65
CA ASN A 71 -9.81 16.46 21.60
C ASN A 71 -10.31 15.68 20.38
N LEU A 72 -9.66 14.56 20.09
CA LEU A 72 -10.03 13.79 18.91
C LEU A 72 -11.27 12.92 19.08
N ASP A 73 -11.94 12.70 17.95
CA ASP A 73 -13.06 11.76 17.80
C ASP A 73 -12.54 10.50 17.10
N GLY A 74 -11.53 10.66 16.24
CA GLY A 74 -10.87 9.55 15.56
C GLY A 74 -9.49 9.90 15.04
N ALA A 75 -8.83 8.91 14.45
CA ALA A 75 -7.55 9.11 13.79
C ALA A 75 -7.44 8.17 12.61
N ALA A 76 -6.71 8.63 11.60
CA ALA A 76 -6.57 7.86 10.39
C ALA A 76 -5.22 8.10 9.75
N THR A 77 -4.79 7.14 8.97
CA THR A 77 -3.57 7.21 8.20
C THR A 77 -3.93 6.56 6.94
N CYS A 78 -3.16 6.81 5.91
CA CYS A 78 -3.46 6.24 4.63
C CYS A 78 -2.23 6.34 3.75
N CYS A 79 -2.11 5.38 2.83
CA CYS A 79 -1.12 5.30 1.76
C CYS A 79 0.33 5.10 2.20
N LEU A 80 0.65 5.00 3.51
CA LEU A 80 2.03 4.81 3.99
C LEU A 80 2.06 4.15 5.38
N ASP A 81 3.13 3.39 5.68
CA ASP A 81 3.29 2.70 6.98
C ASP A 81 3.96 3.54 8.03
N THR A 82 4.52 4.73 7.69
CA THR A 82 5.26 5.60 8.60
C THR A 82 4.57 5.74 9.97
N GLY A 83 3.27 6.07 9.98
CA GLY A 83 2.51 6.23 11.21
C GLY A 83 1.43 5.21 11.52
N ILE A 84 1.65 3.95 11.13
CA ILE A 84 0.66 2.88 11.27
C ILE A 84 0.65 2.31 12.67
N VAL A 85 1.80 2.24 13.31
CA VAL A 85 1.89 1.78 14.69
C VAL A 85 1.37 2.89 15.60
N SER A 86 1.85 4.13 15.40
CA SER A 86 1.41 5.29 16.19
C SER A 86 -0.10 5.40 16.13
N LEU A 87 -0.73 5.21 14.96
CA LEU A 87 -2.21 5.19 14.89
C LEU A 87 -2.80 4.12 15.82
N ALA A 88 -2.26 2.91 15.75
CA ALA A 88 -2.70 1.79 16.55
C ALA A 88 -2.65 2.13 18.07
N ARG A 89 -1.56 2.80 18.53
CA ARG A 89 -1.46 3.21 19.92
C ARG A 89 -2.50 4.29 20.24
N ILE A 90 -2.65 5.30 19.35
CA ILE A 90 -3.69 6.35 19.51
C ILE A 90 -5.05 5.67 19.78
N CYS A 91 -5.43 4.72 18.94
CA CYS A 91 -6.69 4.00 19.08
C CYS A 91 -6.77 3.17 20.33
N ASP A 92 -5.70 2.46 20.69
CA ASP A 92 -5.66 1.66 21.91
C ASP A 92 -5.74 2.50 23.20
N LYS A 93 -5.16 3.73 23.21
CA LYS A 93 -5.11 4.56 24.43
C LYS A 93 -6.26 5.58 24.50
N GLU A 94 -6.64 6.22 23.39
CA GLU A 94 -7.77 7.17 23.38
C GLU A 94 -9.13 6.44 23.10
N ASN A 95 -9.12 5.09 22.94
CA ASN A 95 -10.31 4.24 22.72
C ASN A 95 -11.11 4.74 21.50
N LEU A 96 -10.38 4.96 20.43
CA LEU A 96 -10.93 5.40 19.16
C LEU A 96 -11.04 4.19 18.26
N VAL A 97 -11.93 4.21 17.26
CA VAL A 97 -12.06 3.09 16.33
C VAL A 97 -10.80 2.99 15.43
N GLY A 98 -10.34 1.75 15.21
CA GLY A 98 -9.17 1.44 14.41
C GLY A 98 -8.51 0.11 14.70
N LEU A 99 -7.37 -0.16 14.02
CA LEU A 99 -6.57 -1.37 14.28
C LEU A 99 -5.90 -1.28 15.68
N ASN A 100 -5.56 -2.43 16.28
CA ASN A 100 -4.93 -2.46 17.61
C ASN A 100 -3.41 -2.59 17.43
N GLU A 101 -2.62 -2.20 18.44
CA GLU A 101 -1.16 -2.20 18.31
C GLU A 101 -0.54 -3.59 18.15
N GLU A 102 -1.08 -4.62 18.80
CA GLU A 102 -0.50 -5.96 18.65
C GLU A 102 -0.62 -6.47 17.20
N ALA A 103 -1.67 -6.03 16.45
CA ALA A 103 -1.87 -6.43 15.05
C ALA A 103 -0.93 -5.70 14.10
N ALA A 104 -0.70 -4.40 14.38
CA ALA A 104 0.18 -3.51 13.64
C ALA A 104 1.66 -3.98 13.76
N ILE A 105 2.07 -4.43 14.96
CA ILE A 105 3.40 -4.98 15.24
C ILE A 105 3.61 -6.28 14.47
N CYS A 107 2.11 -7.32 11.72
CA CYS A 107 2.24 -7.00 10.29
C CYS A 107 3.63 -6.51 9.97
N GLY A 108 4.12 -5.63 10.84
CA GLY A 108 5.44 -5.01 10.71
C GLY A 108 6.62 -5.94 10.89
N ASP A 109 6.44 -7.05 11.62
CA ASP A 109 7.51 -8.00 11.88
C ASP A 109 7.26 -9.29 11.14
N LYS A 110 8.03 -9.54 10.08
CA LYS A 110 7.95 -10.76 9.27
C LYS A 110 8.04 -12.08 10.10
N TYR A 111 8.86 -12.14 11.16
CA TYR A 111 8.96 -13.35 11.98
C TYR A 111 7.61 -13.66 12.64
N LYS A 112 6.99 -12.62 13.25
CA LYS A 112 5.71 -12.70 13.95
C LYS A 112 4.56 -12.92 12.99
N LYS A 114 4.81 -14.43 9.93
CA LYS A 114 4.95 -15.78 9.37
C LYS A 114 4.66 -16.86 10.42
N GLU A 115 4.75 -16.51 11.71
CA GLU A 115 4.45 -17.40 12.83
C GLU A 115 2.93 -17.59 12.92
N ALA A 116 2.20 -16.51 12.72
CA ALA A 116 0.73 -16.52 12.71
C ALA A 116 0.24 -17.27 11.49
N PHE A 117 0.84 -17.03 10.35
CA PHE A 117 0.47 -17.72 9.13
C PHE A 117 0.72 -19.22 9.23
N LYS A 118 1.76 -19.72 9.95
CA LYS A 118 1.87 -21.19 10.06
C LYS A 118 0.76 -21.73 10.96
N LYS A 119 0.47 -21.02 12.06
CA LYS A 119 -0.52 -21.37 13.09
C LYS A 119 -1.93 -21.43 12.52
N TYR A 120 -2.29 -20.40 11.75
CA TYR A 120 -3.59 -20.25 11.09
C TYR A 120 -3.59 -20.79 9.65
N ASN A 121 -2.46 -21.38 9.20
CA ASN A 121 -2.35 -22.05 7.90
C ASN A 121 -2.69 -21.11 6.75
N VAL A 122 -1.96 -20.02 6.66
CA VAL A 122 -2.11 -19.04 5.59
C VAL A 122 -0.96 -19.27 4.63
N ASN A 123 -1.25 -19.30 3.33
CA ASN A 123 -0.24 -19.49 2.29
C ASN A 123 0.69 -18.34 2.28
N THR A 124 1.95 -18.65 2.48
CA THR A 124 3.02 -17.67 2.50
C THR A 124 4.35 -18.42 2.30
N ALA A 125 5.42 -17.69 1.91
CA ALA A 125 6.80 -18.22 1.83
C ALA A 125 7.28 -18.54 3.26
N ARG A 126 7.31 -19.83 3.61
CA ARG A 126 7.66 -20.25 4.96
C ARG A 126 9.15 -20.02 5.22
N HIS A 127 9.52 -19.80 6.49
CA HIS A 127 10.93 -19.58 6.83
C HIS A 127 11.35 -20.19 8.13
N PHE A 128 12.64 -20.45 8.19
CA PHE A 128 13.26 -21.01 9.38
C PHE A 128 14.49 -20.18 9.77
N VAL A 129 14.58 -19.90 11.09
CA VAL A 129 15.67 -19.12 11.72
C VAL A 129 16.79 -20.12 12.18
N VAL A 130 17.56 -20.62 11.21
CA VAL A 130 18.66 -21.58 11.37
C VAL A 130 19.87 -20.96 12.16
N ARG A 131 20.59 -21.78 12.96
CA ARG A 131 21.81 -21.37 13.70
C ARG A 131 23.05 -22.27 13.37
N ASN A 132 22.90 -23.38 12.60
CA ASN A 132 24.00 -24.30 12.22
C ASN A 132 23.66 -25.17 10.97
N GLU A 133 24.69 -25.78 10.34
CA GLU A 133 24.53 -26.64 9.14
C GLU A 133 23.49 -27.79 9.33
N ASN A 134 23.33 -28.28 10.57
CA ASN A 134 22.38 -29.34 10.91
C ASN A 134 20.96 -28.79 10.97
N GLU A 135 20.78 -27.58 11.55
CA GLU A 135 19.45 -26.92 11.59
C GLU A 135 18.99 -26.52 10.15
N LEU A 136 19.94 -26.29 9.19
CA LEU A 136 19.64 -25.92 7.79
C LEU A 136 18.88 -27.05 7.11
N LYS A 137 19.44 -28.26 7.17
CA LYS A 137 18.85 -29.46 6.57
C LYS A 137 17.54 -29.84 7.30
N ASN A 138 17.48 -29.65 8.64
CA ASN A 138 16.24 -29.89 9.42
C ASN A 138 15.15 -28.97 8.90
N ALA A 139 15.51 -27.68 8.72
CA ALA A 139 14.62 -26.65 8.17
C ALA A 139 14.20 -26.99 6.73
N LEU A 140 15.13 -27.53 5.87
CA LEU A 140 14.88 -27.91 4.46
C LEU A 140 13.84 -29.07 4.25
N GLU A 141 13.57 -29.90 5.28
CA GLU A 141 12.59 -30.97 5.16
C GLU A 141 11.16 -30.39 5.18
N ASN A 142 10.96 -29.23 5.87
CA ASN A 142 9.66 -28.53 5.93
C ASN A 142 9.63 -27.29 4.99
N LEU A 143 10.51 -27.27 3.97
CA LEU A 143 10.66 -26.13 3.03
C LEU A 143 10.81 -26.65 1.59
N LYS A 144 10.15 -25.97 0.62
CA LYS A 144 10.27 -26.31 -0.80
C LYS A 144 11.36 -25.44 -1.45
N LEU A 145 12.20 -26.06 -2.31
CA LEU A 145 13.23 -25.35 -3.07
C LEU A 145 12.56 -24.57 -4.21
N PRO A 146 13.19 -23.53 -4.80
CA PRO A 146 14.46 -22.92 -4.38
C PRO A 146 14.29 -22.11 -3.10
N VAL A 147 15.40 -21.75 -2.50
CA VAL A 147 15.39 -20.98 -1.27
C VAL A 147 16.35 -19.85 -1.39
N ILE A 148 16.13 -18.90 -0.50
CA ILE A 148 16.96 -17.73 -0.30
C ILE A 148 17.65 -17.92 1.03
N VAL A 149 18.91 -17.51 1.12
CA VAL A 149 19.67 -17.47 2.37
C VAL A 149 20.00 -16.04 2.61
N LYS A 150 19.62 -15.53 3.77
CA LYS A 150 19.78 -14.12 4.02
C LYS A 150 19.99 -13.83 5.44
N ALA A 151 20.54 -12.63 5.65
CA ALA A 151 20.89 -12.07 6.93
C ALA A 151 19.82 -11.09 7.29
N THR A 152 19.69 -10.88 8.56
CA THR A 152 18.64 -10.03 9.08
C THR A 152 19.14 -8.59 9.32
N ASP A 153 20.44 -8.42 9.62
CA ASP A 153 21.03 -7.12 9.98
C ASP A 153 21.25 -6.20 8.79
N LEU A 154 21.85 -6.72 7.70
CA LEU A 154 22.14 -5.96 6.47
C LEU A 154 21.05 -6.22 5.43
N ILE A 160 21.09 -11.07 -0.11
CA ILE A 160 20.39 -12.31 -0.40
C ILE A 160 21.26 -13.26 -1.23
N TYR A 161 20.99 -14.56 -1.09
CA TYR A 161 21.66 -15.63 -1.82
C TYR A 161 20.63 -16.62 -2.32
N ILE A 162 20.25 -16.53 -3.62
CA ILE A 162 19.29 -17.47 -4.23
C ILE A 162 19.99 -18.83 -4.35
N ALA A 163 19.28 -19.90 -4.01
CA ALA A 163 19.85 -21.25 -4.05
C ALA A 163 18.92 -22.24 -4.75
N LYS A 164 19.27 -22.57 -6.02
CA LYS A 164 18.53 -23.51 -6.86
C LYS A 164 18.73 -24.96 -6.35
N LYS A 165 19.99 -25.31 -5.96
CA LYS A 165 20.37 -26.64 -5.44
C LYS A 165 21.17 -26.54 -4.08
N GLU A 166 21.16 -27.66 -3.30
CA GLU A 166 21.82 -27.85 -1.99
C GLU A 166 23.26 -27.29 -1.88
N GLU A 167 24.04 -27.39 -2.97
CA GLU A 167 25.44 -26.93 -2.98
C GLU A 167 25.50 -25.39 -2.98
N GLU A 168 24.46 -24.70 -3.50
CA GLU A 168 24.38 -23.24 -3.47
C GLU A 168 23.83 -22.76 -2.07
N ALA A 169 23.08 -23.65 -1.33
CA ALA A 169 22.49 -23.38 0.00
C ALA A 169 23.52 -23.34 1.12
N ILE A 170 24.44 -24.33 1.18
CA ILE A 170 25.51 -24.33 2.20
C ILE A 170 26.49 -23.21 1.83
N ASP A 171 26.79 -23.05 0.52
CA ASP A 171 27.69 -22.02 -0.02
C ASP A 171 27.13 -20.64 0.30
N GLY A 172 25.80 -20.53 0.33
CA GLY A 172 25.09 -19.33 0.72
C GLY A 172 25.14 -19.10 2.22
N PHE A 173 24.78 -20.11 3.05
CA PHE A 173 24.80 -20.02 4.52
C PHE A 173 26.20 -19.66 5.06
N ASN A 174 27.25 -20.32 4.56
CA ASN A 174 28.62 -20.02 4.99
C ASN A 174 29.00 -18.56 4.63
N GLU A 175 28.66 -18.09 3.44
CA GLU A 175 28.96 -16.69 3.05
C GLU A 175 28.16 -15.66 3.85
N THR A 176 26.94 -16.03 4.26
CA THR A 176 26.04 -15.12 4.98
C THR A 176 26.45 -15.01 6.44
N ASN A 178 29.33 -15.44 7.83
CA ASN A 178 30.60 -14.77 8.01
C ASN A 178 30.43 -13.26 7.86
N LEU A 179 29.50 -12.83 7.01
CA LEU A 179 29.25 -11.40 6.82
C LEU A 179 28.33 -10.79 7.92
N THR A 180 27.32 -11.54 8.40
CA THR A 180 26.40 -11.04 9.42
C THR A 180 27.06 -10.96 10.76
N LYS A 181 26.59 -10.03 11.60
CA LYS A 181 27.08 -9.85 12.98
C LYS A 181 26.34 -10.79 13.95
N ARG A 182 25.21 -11.36 13.52
CA ARG A 182 24.35 -12.21 14.33
C ARG A 182 24.89 -13.64 14.34
N ASP A 183 24.37 -14.53 15.20
CA ASP A 183 24.76 -15.96 15.16
C ASP A 183 23.78 -16.75 14.28
N TYR A 184 22.79 -16.10 13.65
CA TYR A 184 21.81 -16.82 12.88
C TYR A 184 21.60 -16.22 11.52
N CYS A 185 20.94 -17.01 10.72
CA CYS A 185 20.60 -16.90 9.33
C CYS A 185 19.10 -17.15 9.14
N ILE A 186 18.59 -16.78 7.97
CA ILE A 186 17.23 -17.10 7.61
C ILE A 186 17.31 -17.85 6.32
N VAL A 187 16.74 -19.04 6.33
CA VAL A 187 16.57 -19.84 5.11
C VAL A 187 15.07 -19.72 4.83
N GLU A 188 14.74 -19.15 3.68
CA GLU A 188 13.33 -18.92 3.33
C GLU A 188 13.02 -19.44 1.95
N GLU A 189 11.80 -19.95 1.77
CA GLU A 189 11.33 -20.40 0.47
C GLU A 189 11.37 -19.25 -0.53
N PHE A 190 11.90 -19.53 -1.71
CA PHE A 190 11.95 -18.54 -2.77
C PHE A 190 10.77 -18.82 -3.69
N ILE A 191 9.78 -17.92 -3.69
CA ILE A 191 8.56 -18.02 -4.47
C ILE A 191 8.72 -17.09 -5.64
N GLU A 192 8.84 -17.63 -6.82
CA GLU A 192 9.01 -16.81 -8.01
C GLU A 192 7.75 -17.07 -8.83
N GLY A 193 7.04 -16.00 -9.21
CA GLY A 193 5.82 -16.14 -9.97
C GLY A 193 5.17 -14.83 -10.37
N TYR A 194 3.86 -14.84 -10.61
CA TYR A 194 3.14 -13.61 -10.98
C TYR A 194 2.85 -12.75 -9.73
N GLU A 195 3.49 -11.55 -9.63
CA GLU A 195 3.29 -10.64 -8.50
C GLU A 195 2.10 -9.73 -8.73
N PHE A 196 1.25 -9.58 -7.74
CA PHE A 196 0.11 -8.69 -7.82
C PHE A 196 -0.25 -8.31 -6.40
N GLY A 197 -1.29 -7.52 -6.23
CA GLY A 197 -1.76 -7.08 -4.92
C GLY A 197 -3.26 -7.20 -4.74
N ALA A 198 -3.72 -6.74 -3.59
CA ALA A 198 -5.14 -6.70 -3.29
C ALA A 198 -5.46 -5.69 -2.23
N GLN A 199 -6.67 -5.14 -2.29
CA GLN A 199 -7.22 -4.22 -1.31
C GLN A 199 -8.32 -4.91 -0.58
N ALA A 200 -8.52 -4.57 0.66
CA ALA A 200 -9.61 -5.13 1.42
C ALA A 200 -10.02 -4.13 2.47
N PHE A 201 -11.12 -4.39 3.12
CA PHE A 201 -11.64 -3.50 4.13
C PHE A 201 -12.32 -4.35 5.17
N VAL A 202 -11.93 -4.22 6.44
CA VAL A 202 -12.52 -4.98 7.54
C VAL A 202 -13.26 -4.00 8.54
N TYR A 203 -14.51 -4.31 8.89
CA TYR A 203 -15.33 -3.50 9.82
C TYR A 203 -16.14 -4.39 10.73
N LYS A 204 -15.93 -4.30 12.04
CA LYS A 204 -16.61 -5.13 13.04
C LYS A 204 -16.41 -6.63 12.71
N ASN A 205 -15.19 -6.94 12.27
CA ASN A 205 -14.69 -8.27 11.94
C ASN A 205 -15.31 -8.91 10.66
N ASP A 206 -16.02 -8.12 9.85
CA ASP A 206 -16.57 -8.57 8.58
C ASP A 206 -15.75 -7.92 7.45
N VAL A 207 -15.17 -8.77 6.61
CA VAL A 207 -14.38 -8.33 5.46
C VAL A 207 -15.39 -8.04 4.35
N LEU A 208 -15.56 -6.75 4.06
CA LEU A 208 -16.51 -6.27 3.05
C LEU A 208 -16.14 -6.75 1.68
N PHE A 209 -14.86 -6.71 1.36
CA PHE A 209 -14.40 -7.17 0.06
C PHE A 209 -12.91 -7.49 0.06
N VAL A 210 -12.49 -8.13 -1.01
CA VAL A 210 -11.11 -8.36 -1.37
C VAL A 210 -11.06 -8.06 -2.86
N PRO A 212 -8.57 -7.89 -5.90
CA PRO A 212 -7.26 -8.07 -6.56
C PRO A 212 -6.95 -6.96 -7.55
N HIS A 213 -5.67 -6.65 -7.74
CA HIS A 213 -5.28 -5.61 -8.68
C HIS A 213 -3.90 -5.85 -9.26
N GLY A 214 -3.72 -5.32 -10.46
CA GLY A 214 -2.49 -5.46 -11.19
C GLY A 214 -1.50 -4.43 -10.76
N ASP A 215 -0.21 -4.78 -10.82
CA ASP A 215 0.88 -3.93 -10.36
C ASP A 215 1.89 -3.69 -11.49
N GLU A 216 1.86 -2.49 -12.11
CA GLU A 216 2.84 -2.12 -13.16
C GLU A 216 4.09 -1.53 -12.47
N THR A 217 5.25 -1.89 -12.97
CA THR A 217 6.47 -1.48 -12.29
C THR A 217 7.57 -0.98 -13.29
N TYR A 218 8.52 -0.17 -12.76
CA TYR A 218 9.66 0.34 -13.53
C TYR A 218 10.93 -0.07 -12.82
N SER A 220 14.87 0.18 -12.19
CA SER A 220 16.03 1.09 -12.21
C SER A 220 17.10 0.51 -11.26
N HIS A 221 16.82 0.52 -9.95
CA HIS A 221 17.66 -0.05 -8.88
C HIS A 221 16.90 -1.22 -8.32
N THR A 222 15.73 -0.93 -7.76
CA THR A 222 14.75 -1.92 -7.36
C THR A 222 13.62 -1.75 -8.35
N ALA A 223 12.53 -2.51 -8.19
CA ALA A 223 11.35 -2.37 -9.04
C ALA A 223 10.45 -1.32 -8.40
N VAL A 224 10.29 -0.15 -9.05
CA VAL A 224 9.47 0.92 -8.52
C VAL A 224 8.00 0.75 -8.98
N PRO A 225 7.01 0.81 -8.08
CA PRO A 225 5.61 0.73 -8.54
C PRO A 225 5.26 2.01 -9.32
N VAL A 226 4.77 1.85 -10.57
CA VAL A 226 4.41 3.00 -11.44
C VAL A 226 2.99 2.90 -12.01
N GLY A 227 2.26 1.85 -11.69
CA GLY A 227 0.89 1.74 -12.17
C GLY A 227 0.11 0.65 -11.48
N HIS A 228 -1.21 0.83 -11.48
CA HIS A 228 -2.15 -0.11 -10.91
C HIS A 228 -3.35 -0.19 -11.82
N TYR A 229 -4.05 -1.32 -11.78
CA TYR A 229 -5.23 -1.46 -12.59
C TYR A 229 -6.15 -2.50 -12.05
N VAL A 230 -7.38 -2.39 -12.46
CA VAL A 230 -8.46 -3.35 -12.20
C VAL A 230 -9.18 -3.49 -13.51
N PRO A 231 -9.64 -4.71 -13.83
CA PRO A 231 -9.54 -5.95 -13.08
C PRO A 231 -8.25 -6.67 -13.43
N LEU A 232 -7.85 -7.55 -12.53
CA LEU A 232 -6.65 -8.39 -12.71
C LEU A 232 -6.97 -9.46 -13.73
N ASP A 233 -6.11 -9.64 -14.76
CA ASP A 233 -6.36 -10.64 -15.78
C ASP A 233 -5.86 -12.02 -15.34
N VAL A 234 -6.75 -12.69 -14.59
CA VAL A 234 -6.55 -14.05 -14.10
C VAL A 234 -7.89 -14.76 -14.15
N LYS A 235 -7.85 -16.09 -14.02
CA LYS A 235 -9.08 -16.89 -13.96
C LYS A 235 -9.84 -16.53 -12.64
N ASP A 236 -11.16 -16.71 -12.60
CA ASP A 236 -11.91 -16.39 -11.37
C ASP A 236 -11.46 -17.24 -10.16
N ASP A 237 -10.85 -18.44 -10.39
CA ASP A 237 -10.35 -19.31 -9.34
C ASP A 237 -9.19 -18.65 -8.55
N ILE A 238 -8.37 -17.82 -9.22
CA ILE A 238 -7.28 -17.08 -8.60
C ILE A 238 -7.87 -15.94 -7.77
N ILE A 239 -8.93 -15.31 -8.29
CA ILE A 239 -9.61 -14.21 -7.59
C ILE A 239 -10.19 -14.73 -6.26
N GLU A 240 -10.80 -15.91 -6.26
CA GLU A 240 -11.41 -16.52 -5.07
C GLU A 240 -10.40 -17.05 -4.12
N LYS A 241 -9.29 -17.59 -4.64
CA LYS A 241 -8.17 -18.04 -3.81
C LYS A 241 -7.56 -16.85 -3.03
N THR A 242 -7.55 -15.64 -3.62
CA THR A 242 -7.03 -14.41 -3.02
C THR A 242 -7.98 -13.95 -1.89
N LYS A 243 -9.29 -13.97 -2.17
CA LYS A 243 -10.33 -13.66 -1.19
C LYS A 243 -10.20 -14.58 0.02
N THR A 244 -9.90 -15.86 -0.23
CA THR A 244 -9.74 -16.82 0.82
C THR A 244 -8.53 -16.53 1.69
N GLU A 245 -7.34 -16.33 1.08
CA GLU A 245 -6.12 -16.11 1.89
C GLU A 245 -6.16 -14.77 2.59
N VAL A 246 -6.67 -13.71 1.94
CA VAL A 246 -6.72 -12.41 2.59
C VAL A 246 -7.65 -12.48 3.83
N LYS A 247 -8.84 -13.07 3.69
CA LYS A 247 -9.78 -13.22 4.85
C LYS A 247 -9.12 -14.02 5.99
N LYS A 248 -8.37 -15.09 5.64
CA LYS A 248 -7.66 -15.89 6.63
C LYS A 248 -6.59 -15.08 7.33
N ALA A 249 -5.81 -14.29 6.57
CA ALA A 249 -4.70 -13.46 7.08
C ALA A 249 -5.19 -12.36 7.97
N ILE A 250 -6.27 -11.73 7.57
CA ILE A 250 -6.88 -10.67 8.36
C ILE A 250 -7.17 -11.18 9.73
N LYS A 251 -7.75 -12.37 9.81
CA LYS A 251 -8.09 -12.97 11.09
C LYS A 251 -6.84 -13.55 11.79
N ALA A 252 -5.91 -14.23 11.07
CA ALA A 252 -4.63 -14.74 11.65
C ALA A 252 -3.84 -13.64 12.42
N LEU A 253 -3.89 -12.42 11.90
CA LEU A 253 -3.21 -11.27 12.45
C LEU A 253 -4.11 -10.36 13.34
N GLY A 254 -5.42 -10.57 13.34
CA GLY A 254 -6.32 -9.79 14.17
C GLY A 254 -6.58 -8.36 13.73
N LEU A 255 -6.57 -8.12 12.40
CA LEU A 255 -6.83 -6.79 11.90
C LEU A 255 -8.30 -6.47 11.97
N ASN A 256 -8.67 -5.22 12.30
CA ASN A 256 -10.06 -4.82 12.31
C ASN A 256 -10.21 -3.31 12.17
N ASN A 257 -11.39 -2.87 11.69
CA ASN A 257 -11.77 -1.47 11.58
C ASN A 257 -10.68 -0.66 10.87
N CYS A 258 -10.24 -1.24 9.77
CA CYS A 258 -9.19 -0.68 8.95
C CYS A 258 -9.34 -1.12 7.54
N ALA A 259 -8.77 -0.30 6.63
CA ALA A 259 -8.62 -0.64 5.21
C ALA A 259 -7.34 -1.44 5.17
N VAL A 260 -7.22 -2.37 4.28
CA VAL A 260 -6.04 -3.28 4.20
C VAL A 260 -5.44 -3.28 2.81
N ASN A 261 -4.13 -3.39 2.79
CA ASN A 261 -3.28 -3.40 1.62
C ASN A 261 -2.42 -4.62 1.67
N VAL A 262 -2.45 -5.43 0.62
CA VAL A 262 -1.77 -6.71 0.50
C VAL A 262 -0.93 -6.84 -0.80
N ASP A 263 0.24 -7.53 -0.65
CA ASP A 263 1.16 -7.89 -1.72
C ASP A 263 1.10 -9.38 -1.82
N ILE A 265 1.51 -13.04 -4.47
CA ILE A 265 2.27 -13.69 -5.55
C ILE A 265 1.50 -14.94 -6.00
N LEU A 266 1.44 -15.15 -7.30
CA LEU A 266 0.76 -16.32 -7.83
C LEU A 266 1.79 -17.33 -8.36
N LYS A 267 1.80 -18.55 -7.79
CA LYS A 267 2.68 -19.66 -8.23
C LYS A 267 1.90 -20.95 -8.37
N ASP A 268 1.90 -21.52 -9.58
CA ASP A 268 1.27 -22.83 -9.85
C ASP A 268 -0.18 -22.90 -9.33
N ASN A 269 -1.00 -21.92 -9.73
CA ASN A 269 -2.39 -21.82 -9.32
C ASN A 269 -2.57 -21.81 -7.78
N GLU A 270 -1.66 -21.16 -7.08
CA GLU A 270 -1.76 -20.99 -5.64
C GLU A 270 -1.22 -19.65 -5.37
N VAL A 271 -1.84 -18.95 -4.41
CA VAL A 271 -1.48 -17.57 -4.11
C VAL A 271 -0.92 -17.53 -2.73
N TYR A 272 0.02 -16.62 -2.53
CA TYR A 272 0.75 -16.44 -1.28
C TYR A 272 0.79 -14.97 -0.91
N ILE A 273 0.72 -14.68 0.41
CA ILE A 273 0.79 -13.32 0.92
C ILE A 273 2.20 -13.01 1.25
N ILE A 274 2.75 -11.96 0.62
CA ILE A 274 4.11 -11.50 0.92
C ILE A 274 4.06 -10.49 2.10
N GLU A 275 3.29 -9.39 1.95
CA GLU A 275 3.13 -8.31 2.92
C GLU A 275 1.65 -7.99 3.11
N LEU A 276 1.28 -7.53 4.30
CA LEU A 276 -0.08 -7.14 4.66
C LEU A 276 -0.04 -6.00 5.69
N THR A 277 -0.66 -4.87 5.40
CA THR A 277 -0.68 -3.72 6.34
C THR A 277 -2.14 -3.25 6.55
N GLY A 278 -2.48 -2.79 7.75
CA GLY A 278 -3.82 -2.29 8.07
C GLY A 278 -4.08 -0.85 7.68
N ARG A 279 -3.73 -0.48 6.44
CA ARG A 279 -4.07 0.81 5.86
C ARG A 279 -4.21 0.66 4.30
N VAL A 280 -4.86 1.64 3.69
CA VAL A 280 -5.09 1.65 2.26
C VAL A 280 -3.80 1.82 1.50
N GLY A 281 -3.71 1.20 0.34
CA GLY A 281 -2.53 1.27 -0.50
C GLY A 281 -2.32 2.61 -1.14
N ALA A 282 -1.10 2.86 -1.63
CA ALA A 282 -0.77 4.14 -2.24
C ALA A 282 -0.97 4.06 -3.72
N ASN A 283 -0.54 5.10 -4.45
CA ASN A 283 -0.43 5.15 -5.90
C ASN A 283 -1.73 4.95 -6.60
N CYS A 284 -2.76 5.65 -6.13
CA CYS A 284 -4.12 5.70 -6.65
C CYS A 284 -4.92 4.43 -6.40
N LEU A 285 -4.46 3.56 -5.53
CA LEU A 285 -5.29 2.39 -5.23
C LEU A 285 -6.65 2.77 -4.58
N PRO A 286 -6.82 3.80 -3.74
CA PRO A 286 -8.18 4.11 -3.25
C PRO A 286 -9.10 4.60 -4.37
N GLU A 287 -8.52 5.30 -5.33
CA GLU A 287 -9.20 5.75 -6.53
C GLU A 287 -9.61 4.55 -7.39
N LEU A 288 -8.81 3.47 -7.46
CA LEU A 288 -9.23 2.27 -8.20
C LEU A 288 -10.27 1.44 -7.46
N VAL A 289 -10.30 1.52 -6.10
CA VAL A 289 -11.38 0.89 -5.31
C VAL A 289 -12.67 1.63 -5.65
N GLU A 290 -12.60 2.97 -5.70
CA GLU A 290 -13.76 3.84 -5.99
C GLU A 290 -14.31 3.52 -7.39
N ILE A 291 -13.44 3.48 -8.41
CA ILE A 291 -13.82 3.13 -9.80
C ILE A 291 -14.50 1.72 -9.86
N ASN A 292 -13.83 0.70 -9.31
CA ASN A 292 -14.27 -0.69 -9.35
C ASN A 292 -15.58 -0.97 -8.67
N TYR A 293 -15.87 -0.34 -7.53
CA TYR A 293 -17.18 -0.59 -6.86
C TYR A 293 -18.17 0.57 -7.00
N GLY A 294 -17.75 1.71 -7.55
CA GLY A 294 -18.59 2.89 -7.65
C GLY A 294 -18.98 3.44 -6.29
N ILE A 295 -17.99 3.54 -5.41
CA ILE A 295 -18.18 4.00 -4.04
C ILE A 295 -17.27 5.19 -3.71
N GLU A 296 -17.42 5.71 -2.47
CA GLU A 296 -16.62 6.76 -1.83
C GLU A 296 -15.87 6.09 -0.66
N TYR A 297 -14.67 5.61 -0.95
CA TYR A 297 -13.83 4.82 -0.09
C TYR A 297 -13.05 5.65 0.91
N TYR A 298 -12.57 6.86 0.54
CA TYR A 298 -11.99 7.74 1.55
C TYR A 298 -13.01 8.13 2.58
N LYS A 299 -14.29 8.18 2.21
CA LYS A 299 -15.38 8.53 3.13
C LYS A 299 -15.65 7.38 4.05
N ILE A 301 -13.31 5.26 4.97
CA ILE A 301 -12.15 5.30 5.86
C ILE A 301 -12.33 6.37 6.96
N ALA A 302 -12.66 7.59 6.56
CA ALA A 302 -12.82 8.73 7.48
C ALA A 302 -13.97 8.56 8.43
N SER A 303 -15.13 8.11 7.94
CA SER A 303 -16.31 7.90 8.78
C SER A 303 -16.06 6.78 9.80
N ALA A 305 -13.16 5.83 11.08
CA ALA A 305 -12.21 6.43 12.04
C ALA A 305 -12.91 7.14 13.15
N ILE A 306 -13.86 8.04 12.81
CA ILE A 306 -14.56 8.88 13.82
C ILE A 306 -15.74 8.16 14.55
N SER A 307 -15.76 6.80 14.55
CA SER A 307 -16.77 5.97 15.21
C SER A 307 -18.15 6.12 14.54
N GLU A 308 -18.19 6.23 13.19
CA GLU A 308 -19.41 6.24 12.40
C GLU A 308 -19.42 5.00 11.46
N ASN A 309 -20.56 4.76 10.79
CA ASN A 309 -20.79 3.60 9.95
C ASN A 309 -20.33 3.80 8.48
N PRO A 310 -19.29 3.05 8.06
CA PRO A 310 -18.90 3.08 6.66
C PRO A 310 -19.92 2.40 5.71
N LEU A 311 -20.79 1.54 6.23
CA LEU A 311 -21.75 0.79 5.40
C LEU A 311 -22.76 1.66 4.66
N VAL A 312 -22.96 2.90 5.11
CA VAL A 312 -23.78 3.95 4.49
C VAL A 312 -23.28 4.26 3.08
N PHE A 313 -21.95 4.21 2.89
CA PHE A 313 -21.30 4.44 1.59
C PHE A 313 -21.17 3.15 0.79
N TRP A 314 -20.91 1.99 1.46
CA TRP A 314 -20.78 0.67 0.81
C TRP A 314 -22.12 0.17 0.25
N SER A 315 -23.24 0.62 0.82
CA SER A 315 -24.56 0.23 0.37
C SER A 315 -24.98 1.00 -0.91
N GLN A 316 -24.22 2.03 -1.33
CA GLN A 316 -24.49 2.77 -2.57
C GLN A 316 -23.58 2.28 -3.69
N LYS A 317 -23.02 1.08 -3.55
CA LYS A 317 -22.12 0.56 -4.54
C LYS A 317 -22.89 0.19 -5.80
N SER A 318 -22.17 0.15 -6.93
CA SER A 318 -22.73 -0.26 -8.21
C SER A 318 -22.75 -1.76 -8.25
N LYS A 319 -23.62 -2.32 -9.06
CA LYS A 319 -23.75 -3.77 -9.22
C LYS A 319 -22.76 -4.25 -10.28
N GLU A 320 -22.22 -3.32 -11.11
CA GLU A 320 -21.23 -3.59 -12.15
C GLU A 320 -19.84 -3.19 -11.69
N ASN A 321 -18.80 -3.77 -12.29
CA ASN A 321 -17.40 -3.45 -11.95
C ASN A 321 -16.71 -2.83 -13.15
N LYS A 322 -16.51 -1.51 -13.12
CA LYS A 322 -15.82 -0.79 -14.19
C LYS A 322 -14.30 -1.04 -14.11
N ALA A 323 -13.63 -1.05 -15.27
CA ALA A 323 -12.19 -1.16 -15.32
C ALA A 323 -11.59 0.24 -15.00
N GLY A 324 -10.43 0.22 -14.34
CA GLY A 324 -9.65 1.38 -13.96
C GLY A 324 -8.15 1.13 -14.17
N LEU A 325 -7.43 2.22 -14.53
CA LEU A 325 -5.98 2.22 -14.81
C LEU A 325 -5.41 3.50 -14.26
N ALA A 326 -4.38 3.39 -13.44
CA ALA A 326 -3.70 4.52 -12.82
C ALA A 326 -2.26 4.39 -13.11
N ARG A 327 -1.65 5.42 -13.68
CA ARG A 327 -0.23 5.40 -13.98
C ARG A 327 0.46 6.68 -13.59
N ILE A 329 3.22 9.48 -14.26
CA ILE A 329 3.93 10.12 -15.38
C ILE A 329 5.39 10.20 -14.96
N ILE A 330 6.30 9.66 -15.76
CA ILE A 330 7.73 9.67 -15.42
C ILE A 330 8.56 10.10 -16.62
N GLU A 331 9.82 10.51 -16.35
CA GLU A 331 10.80 10.88 -17.39
C GLU A 331 11.96 9.90 -17.27
N THR A 332 12.35 9.28 -18.39
CA THR A 332 13.38 8.25 -18.40
C THR A 332 14.66 8.58 -19.17
N GLU A 333 14.64 9.53 -20.13
CA GLU A 333 15.84 9.87 -20.90
C GLU A 333 16.02 11.40 -20.98
N LYS A 334 15.70 12.13 -19.89
CA LYS A 334 15.87 13.58 -19.89
C LYS A 334 15.86 14.16 -18.45
N SER A 335 16.72 15.15 -18.22
CA SER A 335 16.82 15.85 -16.94
C SER A 335 16.90 17.34 -17.19
N GLY A 336 16.37 18.13 -16.28
CA GLY A 336 16.42 19.57 -16.43
C GLY A 336 15.51 20.32 -15.50
N ILE A 337 15.45 21.63 -15.70
CA ILE A 337 14.63 22.53 -14.89
C ILE A 337 13.39 22.82 -15.71
N LEU A 338 12.20 22.59 -15.11
CA LEU A 338 10.92 22.73 -15.80
C LEU A 338 10.53 24.18 -16.08
N LYS A 339 9.91 24.40 -17.26
CA LYS A 339 9.34 25.67 -17.71
C LYS A 339 7.82 25.54 -17.56
N GLU A 340 7.24 24.55 -18.26
CA GLU A 340 5.80 24.27 -18.19
C GLU A 340 5.45 22.89 -18.76
N ILE A 341 4.30 22.34 -18.31
CA ILE A 341 3.75 21.07 -18.79
C ILE A 341 2.53 21.38 -19.63
N LEU A 342 2.58 21.03 -20.93
CA LEU A 342 1.48 21.28 -21.86
C LEU A 342 0.52 20.08 -21.93
N ASN A 343 -0.73 20.26 -21.49
CA ASN A 343 -1.77 19.23 -21.56
C ASN A 343 -2.81 19.66 -22.60
N SER A 344 -2.71 19.08 -23.81
CA SER A 344 -3.64 19.42 -24.90
C SER A 344 -4.87 18.49 -24.93
N ASN A 345 -5.14 17.74 -23.85
CA ASN A 345 -6.28 16.81 -23.79
C ASN A 345 -7.58 17.47 -23.49
N ALA A 346 -8.65 16.96 -24.08
CA ALA A 346 -10.00 17.48 -23.89
C ALA A 346 -10.70 16.91 -22.62
N LYS A 347 -11.67 17.68 -22.11
CA LYS A 347 -12.54 17.33 -20.96
C LYS A 347 -13.27 16.01 -21.24
N ASP A 348 -13.12 15.03 -20.33
CA ASP A 348 -13.67 13.69 -20.50
C ASP A 348 -14.01 13.08 -19.15
N ASP A 349 -15.25 12.58 -18.99
CA ASP A 349 -15.71 11.94 -17.75
C ASP A 349 -15.02 10.59 -17.49
N ASP A 350 -14.41 9.96 -18.53
CA ASP A 350 -13.63 8.73 -18.38
C ASP A 350 -12.20 9.04 -17.89
N ILE A 351 -11.79 10.31 -17.91
CA ILE A 351 -10.53 10.76 -17.32
C ILE A 351 -10.92 11.21 -15.94
N VAL A 352 -10.57 10.38 -14.96
CA VAL A 352 -10.86 10.64 -13.56
C VAL A 352 -9.92 11.69 -13.02
N GLU A 353 -8.64 11.60 -13.37
CA GLU A 353 -7.65 12.52 -12.88
C GLU A 353 -6.46 12.66 -13.81
N ILE A 354 -5.97 13.90 -13.93
CA ILE A 354 -4.72 14.29 -14.60
C ILE A 354 -4.14 15.34 -13.72
N THR A 355 -3.17 14.98 -12.89
CA THR A 355 -2.54 15.98 -12.02
C THR A 355 -1.06 15.96 -12.20
N PHE A 356 -0.47 17.14 -12.13
CA PHE A 356 0.97 17.33 -12.20
C PHE A 356 1.48 17.74 -10.82
N PHE A 357 2.64 17.17 -10.45
CA PHE A 357 3.33 17.43 -9.19
C PHE A 357 4.45 18.48 -9.35
N LYS A 358 5.04 18.65 -10.55
CA LYS A 358 6.12 19.62 -10.74
C LYS A 358 5.57 20.95 -11.33
N GLU A 359 6.30 22.05 -11.09
CA GLU A 359 5.95 23.42 -11.51
C GLU A 359 7.19 24.17 -11.99
N GLU A 360 6.99 25.33 -12.68
CA GLU A 360 8.10 26.15 -13.19
C GLU A 360 9.21 26.29 -12.13
N ASN A 361 10.46 26.07 -12.56
CA ASN A 361 11.67 26.10 -11.75
C ASN A 361 11.85 24.81 -10.88
N ASP A 362 11.05 23.74 -11.11
CA ASP A 362 11.28 22.48 -10.40
C ASP A 362 12.15 21.61 -11.26
N GLU A 363 12.92 20.73 -10.61
CA GLU A 363 13.84 19.85 -11.30
C GLU A 363 13.14 18.58 -11.73
N ILE A 364 13.40 18.20 -12.98
CA ILE A 364 12.94 16.98 -13.62
C ILE A 364 14.14 16.04 -13.57
N LYS A 365 14.07 15.00 -12.72
CA LYS A 365 15.17 14.05 -12.56
C LYS A 365 14.85 12.75 -13.28
N LYS A 366 15.76 12.30 -14.19
CA LYS A 366 15.65 11.00 -14.88
C LYS A 366 15.26 9.96 -13.83
N PHE A 367 14.04 9.43 -13.97
CA PHE A 367 13.38 8.54 -13.01
C PHE A 367 14.25 7.42 -12.45
N GLU A 368 14.33 7.42 -11.12
CA GLU A 368 15.06 6.45 -10.30
C GLU A 368 14.18 6.01 -9.08
N ASN A 369 13.45 6.95 -8.41
CA ASN A 369 12.55 6.63 -7.29
C ASN A 369 11.20 7.32 -7.45
N SER A 370 10.25 6.92 -6.62
CA SER A 370 8.86 7.40 -6.60
C SER A 370 8.70 8.95 -6.48
N ASN A 371 9.65 9.65 -5.85
CA ASN A 371 9.57 11.10 -5.66
C ASN A 371 9.94 11.85 -6.94
N ASP A 372 10.47 11.13 -7.96
CA ASP A 372 10.80 11.68 -9.28
C ASP A 372 9.56 11.66 -10.23
N CYS A 373 8.33 11.30 -9.74
CA CYS A 373 7.12 11.31 -10.58
C CYS A 373 6.77 12.74 -10.92
N ILE A 374 6.41 12.99 -12.21
CA ILE A 374 5.98 14.29 -12.72
C ILE A 374 4.49 14.50 -12.42
N GLY A 375 3.73 13.43 -12.40
CA GLY A 375 2.30 13.50 -12.13
C GLY A 375 1.68 12.14 -12.15
N GLN A 376 0.36 12.11 -12.35
CA GLN A 376 -0.39 10.87 -12.43
C GLN A 376 -1.67 11.06 -13.21
N ILE A 377 -2.09 9.96 -13.84
CA ILE A 377 -3.27 9.86 -14.70
C ILE A 377 -4.13 8.73 -14.19
N ILE A 378 -5.45 8.96 -14.09
CA ILE A 378 -6.40 7.95 -13.75
C ILE A 378 -7.54 7.97 -14.78
N VAL A 379 -7.81 6.80 -15.35
CA VAL A 379 -8.90 6.59 -16.31
C VAL A 379 -9.74 5.39 -15.86
N LYS A 380 -11.01 5.38 -16.34
CA LYS A 380 -12.02 4.35 -16.13
C LYS A 380 -12.68 4.08 -17.49
N GLU A 381 -13.13 2.84 -17.76
CA GLU A 381 -13.76 2.46 -19.05
C GLU A 381 -14.34 1.02 -18.92
N GLU A 382 -15.10 0.48 -19.89
CA GLU A 382 -15.69 -0.88 -19.77
C GLU A 382 -14.65 -1.98 -19.56
N THR A 383 -13.49 -1.83 -20.20
CA THR A 383 -12.40 -2.81 -20.15
C THR A 383 -11.05 -2.16 -19.93
N LEU A 384 -10.08 -2.96 -19.53
CA LEU A 384 -8.70 -2.55 -19.35
C LEU A 384 -8.01 -2.23 -20.72
N ASP A 385 -8.38 -2.89 -21.83
CA ASP A 385 -7.78 -2.58 -23.16
C ASP A 385 -8.21 -1.17 -23.63
N LYS A 386 -9.50 -0.81 -23.39
CA LYS A 386 -10.01 0.54 -23.71
C LYS A 386 -9.36 1.59 -22.78
N CYS A 387 -9.08 1.23 -21.50
CA CYS A 387 -8.36 2.08 -20.55
C CYS A 387 -6.98 2.40 -21.07
N LYS A 388 -6.21 1.35 -21.39
CA LYS A 388 -4.84 1.46 -21.89
C LYS A 388 -4.75 2.32 -23.16
N ASP A 389 -5.68 2.12 -24.11
CA ASP A 389 -5.71 2.91 -25.36
C ASP A 389 -6.03 4.35 -25.03
N LYS A 390 -6.98 4.60 -24.13
CA LYS A 390 -7.33 5.94 -23.66
C LYS A 390 -6.10 6.59 -23.00
N LEU A 391 -5.35 5.83 -22.20
CA LEU A 391 -4.16 6.34 -21.51
C LEU A 391 -3.05 6.74 -22.49
N ASP A 392 -2.83 5.94 -23.56
CA ASP A 392 -1.80 6.25 -24.56
C ASP A 392 -2.06 7.55 -25.29
N VAL A 393 -3.33 7.90 -25.48
CA VAL A 393 -3.72 9.13 -26.15
C VAL A 393 -3.42 10.33 -25.25
N ILE A 394 -3.64 10.18 -23.91
CA ILE A 394 -3.44 11.23 -22.89
C ILE A 394 -1.96 11.63 -22.85
N ILE A 395 -1.09 10.69 -22.51
CA ILE A 395 0.37 10.86 -22.42
C ILE A 395 0.99 11.47 -23.68
N ASN A 396 0.51 11.03 -24.85
CA ASN A 396 1.00 11.53 -26.14
C ASN A 396 0.60 13.00 -26.37
N ASN A 397 -0.36 13.52 -25.57
CA ASN A 397 -0.83 14.91 -25.55
C ASN A 397 -0.38 15.64 -24.27
N ILE A 398 0.71 15.14 -23.62
CA ILE A 398 1.35 15.74 -22.43
C ILE A 398 2.77 16.12 -22.85
N ASN A 399 3.13 17.41 -22.88
CA ASN A 399 4.48 17.85 -23.26
C ASN A 399 5.18 18.54 -22.09
N ILE A 400 6.33 18.01 -21.67
CA ILE A 400 7.14 18.59 -20.61
C ILE A 400 8.25 19.42 -21.25
N ILE A 401 8.23 20.73 -21.01
CA ILE A 401 9.18 21.70 -21.57
C ILE A 401 10.26 22.08 -20.52
N LEU A 402 11.56 21.88 -20.86
CA LEU A 402 12.70 22.17 -20.00
C LEU A 402 13.38 23.47 -20.43
N LYS A 403 13.32 24.55 -19.61
CA LYS A 403 13.98 25.82 -19.96
C LYS A 403 14.06 26.79 -18.75
#